data_4UCM
#
_entry.id   4UCM
#
_cell.length_a   48.126
_cell.length_b   91.207
_cell.length_c   53.651
_cell.angle_alpha   90.00
_cell.angle_beta   112.67
_cell.angle_gamma   90.00
#
_symmetry.space_group_name_H-M   'P 1 21 1'
#
loop_
_entity.id
_entity.type
_entity.pdbx_description
1 polymer 'GLYCYLPEPTIDE N-TETRADECANOYLTRANSFERASE'
2 non-polymer TETRADECANOYL-COA
3 non-polymer 'methyl-3-methyl-5-phenyl-2H-pyrazol-4-methyl amine'
4 water water
#
_entity_poly.entity_id   1
_entity_poly.type   'polypeptide(L)'
_entity_poly.pdbx_seq_one_letter_code
;MGSSHHHHHHSSGRENLYFQGPSNSDAAHAFWSTQPVPQTEDETEKIVFAGPMDEPKTVADIPEEPYPIASTFEWWTPNM
EAADDIHAIYELLRDNYVEDDDSMFRFNYSEEFLQWALCPPNYIPDWHVAVRRKADKKLLAFIAGVPVTLRMGTPKYMKV
KAQEKGEGEEAAKYDEPRHICEINFLCVHKQLREKRLAPILIKEATRRVNRTNVWQAVYTAGVLLPTPYASGQYFHRSLN
PEKLVEIRFSGIPAQYQKFQNPMAMLKRNYQLPSAPKNSGLREMKPSDVPQVRRILMNYLDSFDVGPVFSDAEISHYLLP
RDGVVFTYVVENDKKVTDFFSFYRIPSTVIGNSNYNLLNAAYVHYYAATSIPLHQLILDLLIVAHSRGFDVCNMVEILDN
RSFVEQLKFGAGDGHLRYYFYNWAYPKIKPSQVALVML
;
_entity_poly.pdbx_strand_id   A
#
# COMPACT_ATOMS: atom_id res chain seq x y z
N ALA A 28 5.58 -26.43 7.18
CA ALA A 28 5.47 -26.72 5.72
C ALA A 28 5.62 -25.46 4.85
N HIS A 29 6.59 -24.62 5.18
CA HIS A 29 7.02 -23.55 4.30
C HIS A 29 8.44 -23.83 3.82
N ALA A 30 8.58 -24.30 2.59
CA ALA A 30 9.90 -24.68 2.07
C ALA A 30 10.85 -23.49 1.79
N PHE A 31 10.30 -22.32 1.49
CA PHE A 31 11.12 -21.10 1.31
C PHE A 31 11.15 -20.20 2.54
N TRP A 32 9.96 -19.87 3.05
CA TRP A 32 9.85 -19.00 4.22
C TRP A 32 10.48 -19.54 5.51
N SER A 33 10.58 -20.86 5.65
CA SER A 33 11.29 -21.44 6.81
C SER A 33 12.81 -21.19 6.76
N THR A 34 13.32 -20.88 5.57
CA THR A 34 14.75 -20.59 5.42
C THR A 34 15.12 -19.10 5.57
N GLN A 35 14.14 -18.27 5.90
CA GLN A 35 14.29 -16.80 5.81
C GLN A 35 14.25 -16.08 7.16
N PRO A 36 14.96 -14.95 7.29
CA PRO A 36 14.98 -14.17 8.54
C PRO A 36 13.66 -13.47 8.86
N VAL A 37 12.61 -14.25 9.12
CA VAL A 37 11.32 -13.74 9.55
C VAL A 37 10.83 -14.61 10.73
N PRO A 38 9.97 -14.05 11.61
CA PRO A 38 9.34 -14.88 12.63
C PRO A 38 8.49 -15.98 11.98
N GLN A 39 8.52 -17.17 12.56
CA GLN A 39 7.97 -18.38 11.92
C GLN A 39 6.53 -18.73 12.32
N THR A 40 6.12 -18.36 13.53
CA THR A 40 4.77 -18.64 14.03
C THR A 40 4.17 -17.40 14.72
N GLU A 41 2.85 -17.46 14.97
CA GLU A 41 2.19 -16.45 15.81
C GLU A 41 2.77 -16.52 17.21
N ASP A 42 2.88 -17.76 17.69
CA ASP A 42 3.50 -18.11 18.97
C ASP A 42 4.82 -17.38 19.22
N GLU A 43 5.66 -17.30 18.18
CA GLU A 43 6.95 -16.63 18.27
C GLU A 43 6.80 -15.12 18.39
N THR A 44 5.99 -14.54 17.49
CA THR A 44 5.80 -13.08 17.42
C THR A 44 5.15 -12.51 18.68
N GLU A 45 4.40 -13.34 19.40
CA GLU A 45 3.80 -12.94 20.68
C GLU A 45 4.84 -12.83 21.80
N LYS A 46 5.98 -13.53 21.62
CA LYS A 46 7.10 -13.44 22.55
C LYS A 46 8.00 -12.23 22.29
N ILE A 47 7.98 -11.72 21.06
CA ILE A 47 8.89 -10.63 20.65
C ILE A 47 8.68 -9.40 21.51
N VAL A 48 9.76 -8.95 22.14
CA VAL A 48 9.72 -7.87 23.10
C VAL A 48 10.31 -6.56 22.57
N PHE A 49 11.45 -6.63 21.87
CA PHE A 49 12.09 -5.45 21.33
C PHE A 49 12.14 -5.49 19.80
N ALA A 50 12.24 -4.31 19.18
CA ALA A 50 12.52 -4.21 17.75
C ALA A 50 14.00 -4.44 17.51
N GLY A 51 14.32 -5.08 16.39
CA GLY A 51 15.70 -5.39 16.02
C GLY A 51 15.78 -6.46 14.94
N PRO A 52 16.98 -6.65 14.36
CA PRO A 52 17.18 -7.60 13.26
C PRO A 52 17.07 -9.05 13.71
N MET A 53 16.73 -9.95 12.79
CA MET A 53 16.66 -11.39 13.07
C MET A 53 17.99 -12.04 12.74
N ASP A 54 18.58 -11.59 11.64
CA ASP A 54 19.74 -12.23 11.04
C ASP A 54 21.06 -11.76 11.63
N GLU A 55 22.10 -12.54 11.38
CA GLU A 55 23.48 -12.18 11.70
C GLU A 55 23.91 -10.91 10.94
N PRO A 56 24.80 -10.09 11.54
CA PRO A 56 25.28 -8.93 10.80
C PRO A 56 26.11 -9.33 9.59
N LYS A 57 25.83 -8.70 8.45
CA LYS A 57 26.58 -8.93 7.21
C LYS A 57 27.06 -7.61 6.61
N THR A 58 27.96 -7.71 5.64
CA THR A 58 28.42 -6.55 4.88
C THR A 58 28.14 -6.76 3.40
N VAL A 59 28.37 -5.74 2.58
CA VAL A 59 28.22 -5.86 1.14
C VAL A 59 29.23 -6.88 0.60
N ALA A 60 30.44 -6.86 1.17
CA ALA A 60 31.51 -7.80 0.83
C ALA A 60 31.08 -9.28 0.87
N ASP A 61 30.23 -9.63 1.85
CA ASP A 61 29.75 -11.00 2.02
C ASP A 61 28.76 -11.41 0.95
N ILE A 62 28.12 -10.44 0.31
CA ILE A 62 27.01 -10.71 -0.62
C ILE A 62 27.51 -10.98 -2.03
N PRO A 63 27.03 -12.07 -2.67
CA PRO A 63 27.38 -12.42 -4.04
C PRO A 63 27.27 -11.26 -5.02
N GLU A 64 28.31 -11.08 -5.84
CA GLU A 64 28.34 -10.08 -6.90
C GLU A 64 27.45 -10.48 -8.05
N GLU A 65 27.35 -11.79 -8.28
CA GLU A 65 26.64 -12.33 -9.41
C GLU A 65 25.17 -12.58 -9.08
N PRO A 66 24.27 -12.36 -10.06
CA PRO A 66 22.86 -12.65 -9.87
C PRO A 66 22.64 -14.12 -9.51
N TYR A 67 21.55 -14.38 -8.79
CA TYR A 67 21.17 -15.73 -8.46
C TYR A 67 20.96 -16.56 -9.72
N PRO A 68 21.49 -17.80 -9.74
CA PRO A 68 21.31 -18.73 -10.87
C PRO A 68 19.86 -18.96 -11.26
N ILE A 69 19.62 -19.11 -12.56
CA ILE A 69 18.33 -19.55 -13.08
C ILE A 69 18.54 -20.39 -14.34
N ALA A 70 17.49 -21.11 -14.74
CA ALA A 70 17.55 -21.99 -15.90
C ALA A 70 17.95 -21.24 -17.18
N SER A 71 18.74 -21.92 -18.00
CA SER A 71 19.32 -21.40 -19.24
C SER A 71 18.36 -20.66 -20.19
N THR A 72 17.07 -20.99 -20.13
CA THR A 72 16.08 -20.38 -21.02
C THR A 72 15.47 -19.08 -20.47
N PHE A 73 15.94 -18.66 -19.30
CA PHE A 73 15.49 -17.42 -18.67
C PHE A 73 16.65 -16.45 -18.47
N GLU A 74 16.33 -15.19 -18.25
CA GLU A 74 17.33 -14.16 -17.95
C GLU A 74 16.79 -13.08 -17.01
N TRP A 75 17.67 -12.54 -16.18
CA TRP A 75 17.33 -11.41 -15.32
C TRP A 75 17.29 -10.13 -16.14
N TRP A 76 16.25 -9.32 -15.94
CA TRP A 76 16.13 -8.04 -16.63
C TRP A 76 15.88 -6.90 -15.66
N THR A 77 16.67 -5.83 -15.80
CA THR A 77 16.42 -4.59 -15.09
C THR A 77 15.73 -3.62 -16.04
N PRO A 78 14.41 -3.45 -15.89
CA PRO A 78 13.68 -2.55 -16.79
C PRO A 78 13.98 -1.09 -16.48
N ASN A 79 13.95 -0.24 -17.50
CA ASN A 79 14.09 1.19 -17.31
C ASN A 79 12.73 1.83 -17.12
N MET A 80 12.52 2.38 -15.94
CA MET A 80 11.20 2.82 -15.51
C MET A 80 10.86 4.21 -16.02
N GLU A 81 11.82 4.82 -16.70
CA GLU A 81 11.67 6.12 -17.31
C GLU A 81 11.51 5.95 -18.82
N ALA A 82 11.46 4.68 -19.26
CA ALA A 82 11.24 4.34 -20.67
C ALA A 82 9.84 3.75 -20.87
N ALA A 83 9.08 4.38 -21.76
CA ALA A 83 7.67 4.08 -22.01
C ALA A 83 7.36 2.61 -22.29
N ASP A 84 8.19 1.97 -23.11
CA ASP A 84 7.96 0.56 -23.49
C ASP A 84 8.26 -0.39 -22.35
N ASP A 85 9.27 -0.08 -21.55
CA ASP A 85 9.58 -0.88 -20.37
C ASP A 85 8.43 -0.83 -19.38
N ILE A 86 7.95 0.38 -19.09
CA ILE A 86 6.76 0.57 -18.26
C ILE A 86 5.60 -0.24 -18.82
N HIS A 87 5.41 -0.15 -20.14
CA HIS A 87 4.32 -0.84 -20.82
C HIS A 87 4.37 -2.36 -20.68
N ALA A 88 5.58 -2.93 -20.78
CA ALA A 88 5.77 -4.38 -20.60
C ALA A 88 5.41 -4.83 -19.18
N ILE A 89 5.79 -4.03 -18.19
CA ILE A 89 5.41 -4.26 -16.80
C ILE A 89 3.89 -4.18 -16.67
N TYR A 90 3.33 -3.14 -17.28
CA TYR A 90 1.90 -2.87 -17.23
C TYR A 90 1.09 -4.06 -17.73
N GLU A 91 1.53 -4.66 -18.83
CA GLU A 91 0.80 -5.76 -19.45
C GLU A 91 0.86 -7.04 -18.63
N LEU A 92 2.04 -7.36 -18.08
CA LEU A 92 2.19 -8.51 -17.21
C LEU A 92 1.23 -8.44 -16.04
N LEU A 93 1.14 -7.25 -15.43
CA LEU A 93 0.28 -7.05 -14.27
C LEU A 93 -1.19 -7.03 -14.63
N ARG A 94 -1.54 -6.35 -15.74
CA ARG A 94 -2.92 -6.30 -16.22
C ARG A 94 -3.53 -7.72 -16.39
N ASP A 95 -2.70 -8.65 -16.85
CA ASP A 95 -3.18 -10.01 -17.13
C ASP A 95 -2.86 -11.02 -16.02
N ASN A 96 -1.98 -10.65 -15.07
CA ASN A 96 -1.45 -11.65 -14.13
C ASN A 96 -1.36 -11.26 -12.65
N TYR A 97 -1.73 -10.02 -12.33
CA TYR A 97 -1.63 -9.57 -10.94
C TYR A 97 -2.87 -10.00 -10.12
N VAL A 98 -3.08 -9.37 -8.96
CA VAL A 98 -4.08 -9.82 -7.97
C VAL A 98 -5.52 -9.87 -8.50
N GLU A 99 -6.14 -11.03 -8.34
CA GLU A 99 -7.57 -11.20 -8.58
C GLU A 99 -8.20 -11.99 -7.43
N ASP A 100 -9.52 -11.82 -7.25
CA ASP A 100 -10.29 -12.63 -6.31
C ASP A 100 -10.31 -14.10 -6.71
N ASP A 101 -10.67 -14.98 -5.77
CA ASP A 101 -10.77 -16.42 -6.05
C ASP A 101 -11.81 -16.77 -7.11
N ASP A 102 -12.85 -15.94 -7.22
CA ASP A 102 -13.96 -16.19 -8.15
C ASP A 102 -13.70 -15.62 -9.56
N SER A 103 -12.56 -14.94 -9.70
CA SER A 103 -12.13 -14.33 -10.96
C SER A 103 -13.16 -13.34 -11.51
N MET A 104 -13.53 -12.38 -10.67
CA MET A 104 -14.45 -11.32 -11.07
C MET A 104 -13.70 -10.03 -11.35
N PHE A 105 -12.71 -9.72 -10.51
CA PHE A 105 -11.93 -8.48 -10.63
C PHE A 105 -10.42 -8.73 -10.54
N ARG A 106 -9.67 -8.10 -11.45
CA ARG A 106 -8.20 -8.10 -11.39
C ARG A 106 -7.66 -6.67 -11.45
N PHE A 107 -6.69 -6.35 -10.57
CA PHE A 107 -6.06 -5.04 -10.55
C PHE A 107 -5.55 -4.61 -11.93
N ASN A 108 -5.74 -3.34 -12.27
CA ASN A 108 -5.28 -2.81 -13.55
C ASN A 108 -4.55 -1.48 -13.35
N TYR A 109 -3.50 -1.52 -12.53
CA TYR A 109 -2.63 -0.36 -12.31
C TYR A 109 -2.18 0.24 -13.63
N SER A 110 -2.49 1.52 -13.84
CA SER A 110 -2.11 2.22 -15.06
C SER A 110 -0.59 2.35 -15.18
N GLU A 111 -0.13 2.64 -16.38
CA GLU A 111 1.29 2.89 -16.68
C GLU A 111 1.80 4.14 -15.95
N GLU A 112 0.99 5.18 -15.93
CA GLU A 112 1.29 6.40 -15.19
C GLU A 112 1.39 6.13 -13.68
N PHE A 113 0.56 5.22 -13.18
CA PHE A 113 0.61 4.84 -11.77
C PHE A 113 1.92 4.14 -11.45
N LEU A 114 2.24 3.12 -12.23
CA LEU A 114 3.48 2.37 -12.05
C LEU A 114 4.73 3.27 -12.09
N GLN A 115 4.77 4.23 -13.01
CA GLN A 115 5.91 5.18 -13.06
C GLN A 115 6.00 5.96 -11.75
N TRP A 116 4.88 6.52 -11.32
CA TRP A 116 4.74 7.21 -10.04
C TRP A 116 5.21 6.36 -8.85
N ALA A 117 4.74 5.11 -8.77
CA ALA A 117 5.01 4.24 -7.63
C ALA A 117 6.45 3.73 -7.58
N LEU A 118 7.04 3.47 -8.74
CA LEU A 118 8.33 2.81 -8.80
C LEU A 118 9.51 3.80 -8.86
N CYS A 119 9.21 5.08 -9.09
CA CYS A 119 10.28 6.08 -9.19
C CYS A 119 10.15 7.27 -8.24
N PRO A 120 10.08 7.00 -6.91
CA PRO A 120 10.12 8.09 -5.93
C PRO A 120 11.53 8.69 -5.86
N PRO A 121 11.70 9.85 -5.19
CA PRO A 121 13.03 10.46 -5.20
C PRO A 121 14.11 9.53 -4.62
N ASN A 122 15.24 9.44 -5.34
CA ASN A 122 16.37 8.61 -4.98
C ASN A 122 16.10 7.10 -5.03
N TYR A 123 15.18 6.68 -5.91
CA TYR A 123 14.93 5.26 -6.12
C TYR A 123 16.15 4.63 -6.78
N ILE A 124 16.22 3.30 -6.69
CA ILE A 124 17.35 2.56 -7.21
C ILE A 124 16.83 1.64 -8.32
N PRO A 125 17.23 1.93 -9.58
CA PRO A 125 16.77 1.17 -10.74
C PRO A 125 17.00 -0.34 -10.58
N ASP A 126 18.13 -0.70 -9.98
CA ASP A 126 18.51 -2.10 -9.79
C ASP A 126 17.54 -2.86 -8.90
N TRP A 127 16.75 -2.13 -8.10
CA TRP A 127 15.80 -2.75 -7.17
C TRP A 127 14.53 -3.22 -7.88
N HIS A 128 14.34 -2.80 -9.13
CA HIS A 128 13.28 -3.34 -9.96
C HIS A 128 13.81 -4.56 -10.71
N VAL A 129 13.23 -5.72 -10.40
CA VAL A 129 13.74 -6.99 -10.88
C VAL A 129 12.70 -7.73 -11.70
N ALA A 130 13.09 -8.11 -12.92
CA ALA A 130 12.23 -8.83 -13.84
C ALA A 130 12.89 -10.07 -14.40
N VAL A 131 12.06 -11.08 -14.72
CA VAL A 131 12.49 -12.26 -15.49
C VAL A 131 11.89 -12.26 -16.90
N ARG A 132 12.75 -12.42 -17.90
CA ARG A 132 12.33 -12.61 -19.29
C ARG A 132 12.84 -13.97 -19.77
N ARG A 133 12.10 -14.61 -20.65
CA ARG A 133 12.63 -15.84 -21.27
C ARG A 133 13.55 -15.45 -22.41
N LYS A 134 14.74 -16.06 -22.41
CA LYS A 134 15.85 -15.61 -23.25
C LYS A 134 15.54 -15.51 -24.75
N ALA A 135 14.67 -16.39 -25.25
CA ALA A 135 14.37 -16.50 -26.68
C ALA A 135 13.70 -15.25 -27.27
N ASP A 136 12.54 -14.88 -26.72
CA ASP A 136 11.71 -13.82 -27.30
C ASP A 136 11.48 -12.63 -26.36
N LYS A 137 12.25 -12.59 -25.27
CA LYS A 137 12.17 -11.52 -24.26
C LYS A 137 10.75 -11.27 -23.72
N LYS A 138 9.93 -12.32 -23.68
CA LYS A 138 8.60 -12.23 -23.08
C LYS A 138 8.72 -12.12 -21.56
N LEU A 139 8.07 -11.12 -20.97
CA LEU A 139 8.09 -10.92 -19.52
C LEU A 139 7.34 -12.04 -18.80
N LEU A 140 7.95 -12.58 -17.76
CA LEU A 140 7.41 -13.75 -17.05
C LEU A 140 7.17 -13.47 -15.58
N ALA A 141 7.98 -12.58 -15.01
CA ALA A 141 7.96 -12.32 -13.57
C ALA A 141 8.46 -10.93 -13.24
N PHE A 142 8.01 -10.40 -12.11
CA PHE A 142 8.41 -9.06 -11.66
C PHE A 142 8.31 -8.93 -10.15
N ILE A 143 9.21 -8.15 -9.59
CA ILE A 143 9.13 -7.68 -8.21
C ILE A 143 9.78 -6.31 -8.21
N ALA A 144 9.25 -5.39 -7.41
CA ALA A 144 9.84 -4.05 -7.28
C ALA A 144 10.20 -3.72 -5.84
N GLY A 145 11.25 -2.93 -5.71
CA GLY A 145 11.63 -2.40 -4.41
C GLY A 145 11.87 -0.92 -4.57
N VAL A 146 11.37 -0.16 -3.60
CA VAL A 146 11.64 1.27 -3.51
C VAL A 146 12.13 1.60 -2.11
N PRO A 147 13.04 2.57 -2.00
CA PRO A 147 13.51 3.04 -0.70
C PRO A 147 12.42 3.78 0.05
N VAL A 148 12.43 3.62 1.37
CA VAL A 148 11.58 4.40 2.26
C VAL A 148 12.30 4.58 3.60
N THR A 149 12.22 5.79 4.15
CA THR A 149 12.71 6.06 5.50
C THR A 149 11.55 5.78 6.44
N LEU A 150 11.73 4.78 7.30
CA LEU A 150 10.67 4.29 8.16
C LEU A 150 11.08 4.20 9.64
N ARG A 151 10.27 4.79 10.51
CA ARG A 151 10.36 4.56 11.94
C ARG A 151 9.83 3.15 12.23
N MET A 152 10.62 2.35 12.94
CA MET A 152 10.27 0.95 13.21
C MET A 152 10.88 0.47 14.54
N GLY A 153 11.10 1.43 15.44
CA GLY A 153 11.58 1.14 16.79
C GLY A 153 10.49 0.52 17.66
N THR A 154 10.89 -0.02 18.81
CA THR A 154 9.96 -0.65 19.75
C THR A 154 8.69 0.19 19.93
N PRO A 155 7.51 -0.45 19.82
CA PRO A 155 6.24 0.26 20.01
C PRO A 155 6.03 0.72 21.45
N LYS A 156 5.22 1.77 21.62
CA LYS A 156 5.02 2.44 22.92
C LYS A 156 4.65 1.51 24.07
N TYR A 157 3.73 0.57 23.81
CA TYR A 157 3.21 -0.31 24.85
C TYR A 157 4.25 -1.29 25.36
N MET A 158 5.20 -1.66 24.51
CA MET A 158 6.33 -2.50 24.92
C MET A 158 7.44 -1.69 25.57
N LYS A 159 7.61 -0.44 25.13
CA LYS A 159 8.56 0.49 25.77
C LYS A 159 8.20 0.79 27.22
N VAL A 160 6.90 0.77 27.51
CA VAL A 160 6.38 0.82 28.88
C VAL A 160 6.82 -0.42 29.67
N LYS A 161 6.64 -1.59 29.06
CA LYS A 161 7.02 -2.86 29.70
C LYS A 161 8.52 -2.92 29.95
N ALA A 162 9.29 -2.35 29.03
CA ALA A 162 10.74 -2.28 29.12
C ALA A 162 11.19 -1.40 30.28
N GLN A 163 10.49 -0.27 30.47
CA GLN A 163 10.75 0.63 31.59
C GLN A 163 10.46 -0.03 32.94
N GLU A 164 9.43 -0.88 32.98
CA GLU A 164 9.06 -1.66 34.17
C GLU A 164 10.14 -2.68 34.56
N LYS A 165 10.76 -3.29 33.55
CA LYS A 165 11.74 -4.36 33.75
C LYS A 165 13.18 -3.84 33.84
N GLY A 166 13.36 -2.53 33.67
CA GLY A 166 14.68 -1.91 33.64
C GLY A 166 15.47 -2.23 32.38
N GLU A 167 14.76 -2.56 31.30
CA GLU A 167 15.37 -2.92 30.01
C GLU A 167 15.18 -1.82 28.96
N GLY A 168 15.36 -0.57 29.39
CA GLY A 168 15.09 0.61 28.57
C GLY A 168 16.01 0.84 27.39
N GLU A 169 17.30 0.55 27.55
CA GLU A 169 18.28 0.76 26.47
C GLU A 169 18.09 -0.22 25.32
N GLU A 170 17.81 -1.47 25.66
CA GLU A 170 17.56 -2.50 24.64
C GLU A 170 16.37 -2.14 23.76
N ALA A 171 15.35 -1.54 24.37
CA ALA A 171 14.14 -1.17 23.67
C ALA A 171 14.30 0.06 22.78
N ALA A 172 15.23 0.96 23.15
CA ALA A 172 15.45 2.21 22.43
C ALA A 172 16.51 2.08 21.32
N LYS A 173 17.32 1.04 21.39
CA LYS A 173 18.41 0.77 20.44
C LYS A 173 18.12 1.21 18.99
N TYR A 174 16.95 0.82 18.47
CA TYR A 174 16.64 1.05 17.06
C TYR A 174 15.53 2.08 16.82
N ASP A 175 15.49 3.11 17.67
CA ASP A 175 14.50 4.18 17.56
C ASP A 175 14.67 5.06 16.34
N GLU A 176 15.91 5.27 15.90
CA GLU A 176 16.17 6.16 14.76
C GLU A 176 15.54 5.60 13.49
N PRO A 177 14.88 6.47 12.69
CA PRO A 177 14.30 6.15 11.39
C PRO A 177 15.29 5.41 10.50
N ARG A 178 14.83 4.35 9.86
CA ARG A 178 15.71 3.49 9.07
C ARG A 178 15.41 3.59 7.58
N HIS A 179 16.48 3.68 6.80
CA HIS A 179 16.39 3.69 5.35
C HIS A 179 16.31 2.25 4.87
N ILE A 180 15.11 1.82 4.52
CA ILE A 180 14.89 0.43 4.14
C ILE A 180 14.29 0.31 2.73
N CYS A 181 13.89 -0.90 2.36
CA CYS A 181 13.27 -1.18 1.08
C CYS A 181 11.80 -1.55 1.26
N GLU A 182 10.97 -1.02 0.36
CA GLU A 182 9.55 -1.29 0.35
C GLU A 182 9.25 -2.13 -0.88
N ILE A 183 8.76 -3.34 -0.66
CA ILE A 183 8.57 -4.31 -1.72
C ILE A 183 7.12 -4.35 -2.17
N ASN A 184 6.92 -4.32 -3.49
CA ASN A 184 5.58 -4.36 -4.07
C ASN A 184 5.59 -5.04 -5.44
N PHE A 185 4.41 -5.38 -5.93
CA PHE A 185 4.20 -5.81 -7.32
C PHE A 185 4.84 -7.16 -7.69
N LEU A 186 4.99 -8.05 -6.71
CA LEU A 186 5.45 -9.41 -6.99
C LEU A 186 4.42 -10.09 -7.89
N CYS A 187 4.89 -10.70 -8.97
CA CYS A 187 3.98 -11.26 -9.96
C CYS A 187 4.65 -12.28 -10.87
N VAL A 188 4.05 -13.46 -10.93
CA VAL A 188 4.47 -14.51 -11.85
C VAL A 188 3.35 -14.77 -12.85
N HIS A 189 3.74 -14.99 -14.11
CA HIS A 189 2.80 -15.29 -15.18
C HIS A 189 1.96 -16.53 -14.84
N LYS A 190 0.70 -16.50 -15.24
CA LYS A 190 -0.25 -17.59 -14.97
C LYS A 190 0.25 -18.95 -15.47
N GLN A 191 0.94 -18.95 -16.61
CA GLN A 191 1.47 -20.17 -17.19
C GLN A 191 2.68 -20.74 -16.42
N LEU A 192 3.20 -19.96 -15.47
CA LEU A 192 4.39 -20.35 -14.73
C LEU A 192 4.20 -20.46 -13.22
N ARG A 193 2.94 -20.47 -12.79
CA ARG A 193 2.61 -20.59 -11.37
C ARG A 193 3.07 -21.92 -10.79
N GLU A 194 3.37 -21.92 -9.49
CA GLU A 194 3.75 -23.14 -8.76
C GLU A 194 4.99 -23.84 -9.36
N LYS A 195 5.94 -23.04 -9.81
CA LYS A 195 7.20 -23.54 -10.35
C LYS A 195 8.37 -23.06 -9.49
N ARG A 196 8.05 -22.58 -8.29
CA ARG A 196 9.03 -22.09 -7.30
C ARG A 196 9.84 -20.89 -7.81
N LEU A 197 9.26 -20.15 -8.75
CA LEU A 197 9.95 -19.01 -9.36
C LEU A 197 9.90 -17.79 -8.45
N ALA A 198 8.87 -17.71 -7.59
CA ALA A 198 8.72 -16.59 -6.66
C ALA A 198 9.83 -16.51 -5.60
N PRO A 199 10.18 -17.64 -4.96
CA PRO A 199 11.33 -17.61 -4.04
C PRO A 199 12.58 -17.02 -4.72
N ILE A 200 12.82 -17.46 -5.95
CA ILE A 200 13.98 -17.06 -6.75
C ILE A 200 14.00 -15.54 -6.93
N LEU A 201 12.83 -14.97 -7.24
CA LEU A 201 12.65 -13.52 -7.35
C LEU A 201 12.95 -12.79 -6.05
N ILE A 202 12.41 -13.31 -4.95
CA ILE A 202 12.64 -12.73 -3.63
C ILE A 202 14.13 -12.81 -3.26
N LYS A 203 14.77 -13.95 -3.53
CA LYS A 203 16.20 -14.11 -3.26
C LYS A 203 17.02 -13.05 -3.99
N GLU A 204 16.73 -12.86 -5.27
CA GLU A 204 17.47 -11.94 -6.12
C GLU A 204 17.25 -10.49 -5.72
N ALA A 205 15.99 -10.14 -5.45
CA ALA A 205 15.67 -8.83 -4.88
C ALA A 205 16.46 -8.59 -3.59
N THR A 206 16.39 -9.55 -2.67
CA THR A 206 17.14 -9.49 -1.40
C THR A 206 18.64 -9.27 -1.66
N ARG A 207 19.19 -9.98 -2.64
CA ARG A 207 20.59 -9.82 -3.02
C ARG A 207 20.91 -8.38 -3.44
N ARG A 208 20.13 -7.85 -4.38
CA ARG A 208 20.37 -6.53 -4.96
C ARG A 208 20.24 -5.40 -3.93
N VAL A 209 19.33 -5.59 -2.97
CA VAL A 209 19.11 -4.66 -1.87
C VAL A 209 20.25 -4.73 -0.85
N ASN A 210 20.62 -5.95 -0.47
CA ASN A 210 21.77 -6.16 0.42
C ASN A 210 23.06 -5.55 -0.13
N ARG A 211 23.20 -5.56 -1.45
CA ARG A 211 24.37 -5.01 -2.13
C ARG A 211 24.43 -3.48 -2.04
N THR A 212 23.30 -2.88 -1.66
CA THR A 212 23.23 -1.43 -1.43
C THR A 212 23.29 -1.14 0.06
N ASN A 213 23.65 -2.16 0.84
CA ASN A 213 23.80 -2.06 2.30
C ASN A 213 22.47 -1.85 3.06
N VAL A 214 21.40 -2.44 2.53
CA VAL A 214 20.08 -2.34 3.14
C VAL A 214 19.62 -3.74 3.53
N TRP A 215 19.11 -3.89 4.75
CA TRP A 215 18.99 -5.20 5.39
C TRP A 215 17.58 -5.56 5.86
N GLN A 216 16.69 -4.57 5.82
CA GLN A 216 15.27 -4.77 6.12
C GLN A 216 14.42 -4.36 4.93
N ALA A 217 13.26 -4.99 4.83
CA ALA A 217 12.24 -4.59 3.90
C ALA A 217 10.87 -4.59 4.60
N VAL A 218 9.92 -3.88 4.00
CA VAL A 218 8.54 -3.90 4.45
C VAL A 218 7.65 -4.23 3.26
N TYR A 219 6.64 -5.07 3.52
CA TYR A 219 5.73 -5.48 2.47
C TYR A 219 4.38 -5.81 3.07
N THR A 220 3.35 -5.76 2.24
CA THR A 220 1.99 -6.15 2.62
C THR A 220 1.52 -7.23 1.66
N ALA A 221 0.48 -7.95 2.08
CA ALA A 221 -0.14 -8.99 1.27
C ALA A 221 -1.53 -9.26 1.82
N GLY A 222 -2.46 -9.58 0.92
CA GLY A 222 -3.80 -9.96 1.31
C GLY A 222 -3.87 -11.38 1.84
N VAL A 223 -2.77 -12.13 1.69
CA VAL A 223 -2.71 -13.50 2.20
C VAL A 223 -1.88 -13.60 3.48
N LEU A 224 -2.04 -14.70 4.19
CA LEU A 224 -1.27 -14.95 5.41
C LEU A 224 0.05 -15.63 5.09
N LEU A 225 1.14 -14.98 5.46
CA LEU A 225 2.49 -15.52 5.36
C LEU A 225 3.10 -15.54 6.77
N PRO A 226 4.27 -16.17 6.95
CA PRO A 226 4.90 -15.95 8.24
C PRO A 226 5.80 -14.69 8.22
N THR A 227 5.61 -13.76 9.15
CA THR A 227 4.48 -13.72 10.09
C THR A 227 4.18 -12.23 10.23
N PRO A 228 2.89 -11.83 10.16
CA PRO A 228 2.61 -10.38 10.15
C PRO A 228 2.78 -9.70 11.50
N TYR A 229 3.20 -8.42 11.49
CA TYR A 229 3.22 -7.64 12.73
C TYR A 229 1.91 -6.87 12.96
N ALA A 230 1.09 -6.76 11.92
CA ALA A 230 -0.18 -6.03 12.00
C ALA A 230 -1.13 -6.57 10.95
N SER A 231 -2.43 -6.52 11.24
CA SER A 231 -3.46 -6.95 10.31
C SER A 231 -4.69 -6.05 10.39
N GLY A 232 -5.23 -5.67 9.23
CA GLY A 232 -6.40 -4.80 9.20
C GLY A 232 -7.42 -5.18 8.14
N GLN A 233 -8.70 -5.06 8.49
CA GLN A 233 -9.79 -5.25 7.53
C GLN A 233 -9.84 -4.13 6.49
N TYR A 234 -10.30 -4.48 5.29
CA TYR A 234 -10.63 -3.48 4.28
C TYR A 234 -12.02 -2.92 4.54
N PHE A 235 -12.22 -1.68 4.10
CA PHE A 235 -13.51 -1.00 4.16
C PHE A 235 -13.79 -0.35 2.82
N HIS A 236 -15.06 -0.32 2.44
CA HIS A 236 -15.47 0.21 1.14
C HIS A 236 -16.65 1.14 1.31
N ARG A 237 -16.66 2.22 0.52
CA ARG A 237 -17.74 3.17 0.50
C ARG A 237 -18.24 3.29 -0.94
N SER A 238 -19.49 2.87 -1.16
CA SER A 238 -20.12 2.92 -2.47
C SER A 238 -20.37 4.35 -2.90
N LEU A 239 -19.97 4.66 -4.13
CA LEU A 239 -20.21 5.98 -4.70
C LEU A 239 -21.18 5.84 -5.86
N ASN A 240 -21.08 4.69 -6.54
CA ASN A 240 -21.97 4.32 -7.62
C ASN A 240 -22.57 2.96 -7.33
N PRO A 241 -23.58 2.91 -6.44
CA PRO A 241 -24.17 1.63 -5.99
C PRO A 241 -24.80 0.77 -7.10
N GLU A 242 -25.37 1.40 -8.13
CA GLU A 242 -26.02 0.66 -9.22
C GLU A 242 -25.02 -0.13 -10.05
N LYS A 243 -23.91 0.50 -10.43
CA LYS A 243 -22.83 -0.20 -11.12
C LYS A 243 -22.26 -1.33 -10.26
N LEU A 244 -22.02 -1.07 -8.97
CA LEU A 244 -21.45 -2.07 -8.06
C LEU A 244 -22.30 -3.34 -7.90
N VAL A 245 -23.62 -3.17 -7.88
CA VAL A 245 -24.54 -4.31 -7.81
C VAL A 245 -24.55 -5.08 -9.14
N GLU A 246 -24.55 -4.33 -10.24
CA GLU A 246 -24.56 -4.92 -11.58
C GLU A 246 -23.32 -5.77 -11.82
N ILE A 247 -22.15 -5.27 -11.41
CA ILE A 247 -20.90 -6.01 -11.57
C ILE A 247 -20.64 -7.00 -10.43
N ARG A 248 -21.60 -7.07 -9.49
CA ARG A 248 -21.57 -8.03 -8.38
C ARG A 248 -20.40 -7.83 -7.43
N PHE A 249 -19.89 -6.60 -7.39
CA PHE A 249 -18.91 -6.19 -6.38
C PHE A 249 -19.57 -6.22 -5.01
N SER A 250 -20.81 -5.75 -4.96
CA SER A 250 -21.63 -5.80 -3.76
C SER A 250 -23.04 -6.24 -4.15
N GLY A 251 -23.79 -6.76 -3.18
CA GLY A 251 -25.19 -7.13 -3.42
C GLY A 251 -26.15 -6.13 -2.80
N ILE A 252 -27.43 -6.28 -3.12
CA ILE A 252 -28.48 -5.53 -2.45
C ILE A 252 -28.77 -6.23 -1.12
N PRO A 253 -28.54 -5.54 0.02
CA PRO A 253 -28.80 -6.15 1.34
C PRO A 253 -30.26 -6.60 1.48
N ALA A 254 -30.45 -7.75 2.15
CA ALA A 254 -31.75 -8.40 2.26
C ALA A 254 -32.87 -7.47 2.74
N GLN A 255 -32.51 -6.53 3.60
CA GLN A 255 -33.46 -5.59 4.21
C GLN A 255 -34.01 -4.57 3.20
N TYR A 256 -33.31 -4.34 2.10
CA TYR A 256 -33.80 -3.47 1.04
C TYR A 256 -34.95 -4.11 0.24
N GLN A 257 -35.14 -5.42 0.40
CA GLN A 257 -36.22 -6.14 -0.28
C GLN A 257 -37.59 -5.81 0.26
N LYS A 258 -37.64 -5.30 1.49
CA LYS A 258 -38.90 -4.87 2.10
C LYS A 258 -39.32 -3.47 1.59
N PHE A 259 -38.71 -3.04 0.49
CA PHE A 259 -39.08 -1.78 -0.17
C PHE A 259 -39.65 -2.02 -1.55
N GLN A 260 -40.45 -1.06 -2.02
CA GLN A 260 -41.08 -1.14 -3.34
C GLN A 260 -40.02 -1.11 -4.44
N ASN A 261 -39.07 -0.18 -4.32
CA ASN A 261 -37.97 -0.04 -5.28
C ASN A 261 -36.63 -0.09 -4.54
N PRO A 262 -36.09 -1.31 -4.33
CA PRO A 262 -34.84 -1.51 -3.59
C PRO A 262 -33.67 -0.65 -4.09
N MET A 263 -33.46 -0.63 -5.40
CA MET A 263 -32.33 0.06 -6.00
C MET A 263 -32.40 1.59 -5.85
N ALA A 264 -33.61 2.14 -5.90
CA ALA A 264 -33.82 3.58 -5.73
C ALA A 264 -33.42 4.00 -4.32
N MET A 265 -33.80 3.18 -3.34
CA MET A 265 -33.44 3.40 -1.94
C MET A 265 -31.92 3.30 -1.73
N LEU A 266 -31.29 2.35 -2.41
CA LEU A 266 -29.84 2.17 -2.32
C LEU A 266 -29.11 3.38 -2.89
N LYS A 267 -29.62 3.92 -4.00
CA LYS A 267 -29.09 5.14 -4.58
C LYS A 267 -29.26 6.34 -3.65
N ARG A 268 -30.43 6.45 -3.02
CA ARG A 268 -30.69 7.50 -2.03
C ARG A 268 -29.72 7.39 -0.86
N ASN A 269 -29.53 6.17 -0.37
CA ASN A 269 -28.66 5.95 0.79
C ASN A 269 -27.24 6.47 0.63
N TYR A 270 -26.66 6.27 -0.55
CA TYR A 270 -25.25 6.58 -0.78
C TYR A 270 -24.99 7.90 -1.49
N GLN A 271 -26.07 8.59 -1.87
CA GLN A 271 -25.96 9.84 -2.62
C GLN A 271 -25.08 10.85 -1.90
N LEU A 272 -24.42 11.69 -2.68
CA LEU A 272 -23.48 12.65 -2.13
C LEU A 272 -23.71 14.04 -2.70
N PRO A 273 -23.33 15.08 -1.92
CA PRO A 273 -23.29 16.44 -2.45
C PRO A 273 -22.45 16.55 -3.71
N SER A 274 -22.86 17.43 -4.62
CA SER A 274 -22.16 17.64 -5.88
C SER A 274 -20.84 18.38 -5.69
N ALA A 275 -20.81 19.30 -4.71
CA ALA A 275 -19.62 20.10 -4.44
C ALA A 275 -19.15 19.89 -2.99
N PRO A 276 -17.83 20.05 -2.74
CA PRO A 276 -17.28 20.00 -1.39
C PRO A 276 -17.94 20.99 -0.43
N LYS A 277 -17.95 20.65 0.85
CA LYS A 277 -18.63 21.46 1.86
C LYS A 277 -17.69 22.41 2.57
N ASN A 278 -16.45 21.98 2.79
CA ASN A 278 -15.45 22.80 3.45
C ASN A 278 -15.04 23.99 2.58
N SER A 279 -15.45 25.17 3.01
CA SER A 279 -15.05 26.44 2.40
C SER A 279 -13.53 26.52 2.30
N GLY A 280 -13.04 26.98 1.16
CA GLY A 280 -11.59 27.09 0.93
C GLY A 280 -10.84 25.78 0.72
N LEU A 281 -11.54 24.77 0.20
CA LEU A 281 -10.86 23.57 -0.27
C LEU A 281 -10.41 23.81 -1.70
N ARG A 282 -9.20 23.34 -2.01
CA ARG A 282 -8.63 23.43 -3.36
C ARG A 282 -7.57 22.35 -3.55
N GLU A 283 -7.09 22.20 -4.78
CA GLU A 283 -6.02 21.24 -5.08
C GLU A 283 -4.67 21.70 -4.53
N MET A 284 -3.85 20.75 -4.12
CA MET A 284 -2.51 21.01 -3.61
C MET A 284 -1.61 21.52 -4.73
N LYS A 285 -0.88 22.59 -4.45
CA LYS A 285 0.12 23.14 -5.36
C LYS A 285 1.53 22.97 -4.77
N PRO A 286 2.59 23.25 -5.58
CA PRO A 286 3.97 23.12 -5.09
C PRO A 286 4.30 23.95 -3.86
N SER A 287 3.73 25.15 -3.73
CA SER A 287 4.02 26.00 -2.56
C SER A 287 3.49 25.40 -1.25
N ASP A 288 2.60 24.41 -1.34
CA ASP A 288 2.01 23.79 -0.17
C ASP A 288 2.92 22.77 0.48
N VAL A 289 3.94 22.32 -0.25
CA VAL A 289 4.82 21.23 0.16
C VAL A 289 5.25 21.30 1.64
N PRO A 290 5.88 22.42 2.09
CA PRO A 290 6.33 22.53 3.49
C PRO A 290 5.21 22.52 4.53
N GLN A 291 4.09 23.20 4.24
CA GLN A 291 2.95 23.18 5.17
C GLN A 291 2.37 21.76 5.29
N VAL A 292 2.17 21.10 4.15
CA VAL A 292 1.66 19.72 4.14
C VAL A 292 2.62 18.76 4.85
N ARG A 293 3.90 18.82 4.50
CA ARG A 293 4.92 18.02 5.17
C ARG A 293 4.81 18.13 6.69
N ARG A 294 4.82 19.38 7.17
CA ARG A 294 4.79 19.66 8.60
C ARG A 294 3.60 19.02 9.31
N ILE A 295 2.40 19.21 8.78
CA ILE A 295 1.21 18.70 9.45
C ILE A 295 1.08 17.18 9.30
N LEU A 296 1.54 16.64 8.17
CA LEU A 296 1.58 15.19 7.97
C LEU A 296 2.56 14.56 8.94
N MET A 297 3.74 15.16 9.11
CA MET A 297 4.75 14.56 9.98
C MET A 297 4.36 14.62 11.46
N ASN A 298 3.84 15.76 11.90
CA ASN A 298 3.30 15.90 13.27
C ASN A 298 2.27 14.82 13.59
N TYR A 299 1.38 14.56 12.64
CA TYR A 299 0.31 13.59 12.82
C TYR A 299 0.85 12.16 12.82
N LEU A 300 1.74 11.86 11.87
CA LEU A 300 2.28 10.52 11.67
C LEU A 300 3.21 10.04 12.79
N ASP A 301 4.02 10.95 13.31
CA ASP A 301 4.94 10.66 14.42
C ASP A 301 4.26 10.05 15.66
N SER A 302 2.94 10.21 15.78
CA SER A 302 2.20 9.65 16.92
C SER A 302 1.85 8.17 16.75
N PHE A 303 2.22 7.59 15.61
CA PHE A 303 2.00 6.16 15.33
C PHE A 303 3.30 5.36 15.50
N ASP A 304 3.18 4.11 15.91
CA ASP A 304 4.35 3.26 16.16
C ASP A 304 5.21 3.03 14.91
N VAL A 305 4.56 2.67 13.80
CA VAL A 305 5.24 2.47 12.53
C VAL A 305 4.71 3.49 11.54
N GLY A 306 5.62 4.27 10.94
CA GLY A 306 5.23 5.26 9.94
C GLY A 306 6.40 5.89 9.20
N PRO A 307 6.16 6.28 7.93
CA PRO A 307 7.24 6.77 7.11
C PRO A 307 7.69 8.18 7.52
N VAL A 308 8.92 8.52 7.16
CA VAL A 308 9.41 9.89 7.31
C VAL A 308 9.60 10.44 5.91
N PHE A 309 8.99 11.58 5.62
CA PHE A 309 8.99 12.16 4.28
C PHE A 309 9.77 13.48 4.22
N SER A 310 10.73 13.54 3.31
CA SER A 310 11.39 14.81 2.98
C SER A 310 10.45 15.66 2.11
N ASP A 311 10.86 16.90 1.83
CA ASP A 311 10.14 17.78 0.90
C ASP A 311 9.93 17.15 -0.47
N ALA A 312 11.00 16.56 -1.00
CA ALA A 312 10.98 15.90 -2.31
C ALA A 312 9.99 14.73 -2.34
N GLU A 313 9.90 13.99 -1.24
CA GLU A 313 8.98 12.85 -1.15
C GLU A 313 7.51 13.26 -0.97
N ILE A 314 7.29 14.39 -0.29
CA ILE A 314 5.94 14.93 -0.14
C ILE A 314 5.44 15.42 -1.50
N SER A 315 6.33 16.08 -2.24
CA SER A 315 6.04 16.54 -3.59
C SER A 315 5.67 15.34 -4.48
N HIS A 316 6.58 14.37 -4.60
CA HIS A 316 6.33 13.15 -5.37
C HIS A 316 5.02 12.42 -5.01
N TYR A 317 4.82 12.15 -3.74
CA TYR A 317 3.72 11.26 -3.33
C TYR A 317 2.35 11.94 -3.24
N LEU A 318 2.36 13.25 -3.00
CA LEU A 318 1.09 13.97 -2.76
C LEU A 318 0.66 15.01 -3.81
N LEU A 319 1.58 15.55 -4.61
CA LEU A 319 1.18 16.49 -5.66
C LEU A 319 0.31 15.83 -6.74
N PRO A 320 -0.84 16.47 -7.08
CA PRO A 320 -1.78 15.87 -8.01
C PRO A 320 -1.11 15.51 -9.33
N ARG A 321 -1.41 14.31 -9.80
CA ARG A 321 -1.00 13.82 -11.10
C ARG A 321 -2.25 13.19 -11.68
N ASP A 322 -2.67 13.70 -12.83
CA ASP A 322 -3.91 13.31 -13.47
C ASP A 322 -4.00 11.79 -13.67
N GLY A 323 -5.16 11.22 -13.34
CA GLY A 323 -5.41 9.78 -13.41
C GLY A 323 -4.76 8.92 -12.34
N VAL A 324 -3.93 9.53 -11.49
CA VAL A 324 -3.08 8.77 -10.56
C VAL A 324 -3.35 9.09 -9.09
N VAL A 325 -3.07 10.34 -8.70
CA VAL A 325 -3.14 10.77 -7.32
C VAL A 325 -3.78 12.16 -7.26
N PHE A 326 -4.66 12.33 -6.28
CA PHE A 326 -5.52 13.49 -6.14
C PHE A 326 -5.40 13.99 -4.71
N THR A 327 -5.04 15.25 -4.56
CA THR A 327 -4.75 15.81 -3.24
C THR A 327 -5.33 17.21 -3.08
N TYR A 328 -6.09 17.39 -2.01
CA TYR A 328 -6.72 18.66 -1.72
C TYR A 328 -6.30 19.17 -0.35
N VAL A 329 -6.13 20.48 -0.26
CA VAL A 329 -5.85 21.10 1.03
C VAL A 329 -7.03 21.98 1.47
N VAL A 330 -7.19 22.11 2.78
CA VAL A 330 -8.06 23.16 3.33
C VAL A 330 -7.19 24.37 3.65
N GLU A 331 -7.49 25.49 2.99
CA GLU A 331 -6.75 26.72 3.20
C GLU A 331 -7.69 27.84 3.64
N ASN A 332 -7.62 28.18 4.93
CA ASN A 332 -8.36 29.31 5.47
C ASN A 332 -7.42 30.43 5.91
N ASP A 333 -7.76 31.67 5.56
CA ASP A 333 -6.92 32.84 5.82
C ASP A 333 -5.45 32.57 5.46
N LYS A 334 -5.22 32.19 4.20
CA LYS A 334 -3.88 31.98 3.63
C LYS A 334 -3.02 30.86 4.28
N LYS A 335 -3.60 30.08 5.19
CA LYS A 335 -2.85 28.99 5.83
C LYS A 335 -3.45 27.62 5.54
N VAL A 336 -2.58 26.64 5.29
CA VAL A 336 -3.00 25.26 5.10
C VAL A 336 -3.14 24.60 6.47
N THR A 337 -4.38 24.24 6.81
CA THR A 337 -4.68 23.62 8.11
C THR A 337 -5.05 22.15 8.00
N ASP A 338 -5.54 21.72 6.83
CA ASP A 338 -5.89 20.31 6.62
C ASP A 338 -5.61 19.89 5.18
N PHE A 339 -5.33 18.60 4.99
CA PHE A 339 -5.29 18.02 3.65
C PHE A 339 -5.77 16.57 3.65
N PHE A 340 -6.27 16.12 2.51
CA PHE A 340 -6.49 14.71 2.25
C PHE A 340 -5.96 14.39 0.86
N SER A 341 -5.64 13.11 0.65
CA SER A 341 -5.22 12.62 -0.64
C SER A 341 -5.83 11.23 -0.90
N PHE A 342 -5.98 10.89 -2.17
CA PHE A 342 -6.39 9.55 -2.59
C PHE A 342 -5.83 9.22 -3.97
N TYR A 343 -5.66 7.92 -4.24
CA TYR A 343 -5.11 7.45 -5.51
C TYR A 343 -6.02 6.44 -6.22
N ARG A 344 -5.84 6.33 -7.53
CA ARG A 344 -6.71 5.54 -8.37
C ARG A 344 -6.07 4.21 -8.74
N ILE A 345 -6.80 3.13 -8.50
CA ILE A 345 -6.45 1.82 -9.05
C ILE A 345 -7.72 1.27 -9.64
N PRO A 346 -7.79 1.20 -10.99
CA PRO A 346 -8.94 0.52 -11.58
C PRO A 346 -8.74 -0.98 -11.59
N SER A 347 -9.83 -1.74 -11.71
CA SER A 347 -9.77 -3.19 -11.82
C SER A 347 -10.51 -3.68 -13.05
N THR A 348 -10.00 -4.74 -13.67
CA THR A 348 -10.66 -5.36 -14.81
C THR A 348 -11.92 -6.07 -14.32
N VAL A 349 -13.04 -5.75 -14.96
CA VAL A 349 -14.30 -6.44 -14.71
C VAL A 349 -14.33 -7.66 -15.63
N ILE A 350 -13.88 -8.78 -15.08
CA ILE A 350 -13.60 -9.99 -15.86
C ILE A 350 -14.82 -10.65 -16.51
N GLY A 351 -15.95 -10.69 -15.80
CA GLY A 351 -17.12 -11.47 -16.22
C GLY A 351 -18.29 -10.72 -16.84
N ASN A 352 -18.54 -9.48 -16.40
CA ASN A 352 -19.59 -8.64 -16.97
C ASN A 352 -19.18 -8.11 -18.35
N SER A 353 -20.16 -8.00 -19.25
CA SER A 353 -19.93 -7.51 -20.61
C SER A 353 -20.16 -6.01 -20.77
N ASN A 354 -21.10 -5.46 -20.02
CA ASN A 354 -21.46 -4.03 -20.09
C ASN A 354 -20.40 -3.08 -19.53
N TYR A 355 -19.57 -3.60 -18.63
CA TYR A 355 -18.50 -2.83 -18.02
C TYR A 355 -17.20 -3.60 -18.12
N ASN A 356 -16.11 -2.89 -18.36
CA ASN A 356 -14.78 -3.51 -18.34
C ASN A 356 -13.89 -3.04 -17.18
N LEU A 357 -14.20 -1.87 -16.60
CA LEU A 357 -13.39 -1.32 -15.51
C LEU A 357 -14.17 -0.93 -14.26
N LEU A 358 -13.60 -1.25 -13.10
CA LEU A 358 -14.10 -0.78 -11.81
C LEU A 358 -13.15 0.31 -11.32
N ASN A 359 -13.65 1.55 -11.27
CA ASN A 359 -12.84 2.71 -10.92
C ASN A 359 -12.80 2.99 -9.41
N ALA A 360 -11.75 2.53 -8.74
CA ALA A 360 -11.65 2.68 -7.28
C ALA A 360 -10.75 3.82 -6.83
N ALA A 361 -11.15 4.52 -5.77
CA ALA A 361 -10.30 5.53 -5.13
C ALA A 361 -9.86 5.02 -3.77
N TYR A 362 -8.55 5.01 -3.53
CA TYR A 362 -7.99 4.50 -2.28
C TYR A 362 -7.51 5.63 -1.39
N VAL A 363 -8.00 5.65 -0.16
CA VAL A 363 -7.62 6.66 0.81
C VAL A 363 -6.11 6.62 1.01
N HIS A 364 -5.47 7.77 0.85
CA HIS A 364 -4.03 7.88 0.94
C HIS A 364 -3.71 8.50 2.29
N TYR A 365 -2.75 9.43 2.33
CA TYR A 365 -2.43 10.14 3.56
C TYR A 365 -3.35 11.33 3.75
N TYR A 366 -3.44 11.80 5.00
CA TYR A 366 -4.24 12.96 5.34
C TYR A 366 -3.81 13.49 6.69
N ALA A 367 -4.35 14.66 7.05
CA ALA A 367 -4.20 15.24 8.39
C ALA A 367 -5.22 16.35 8.58
N ALA A 368 -5.87 16.36 9.74
CA ALA A 368 -6.83 17.39 10.11
C ALA A 368 -6.47 18.03 11.45
N THR A 369 -6.45 19.37 11.47
CA THR A 369 -6.16 20.13 12.67
C THR A 369 -7.24 21.17 13.01
N SER A 370 -8.07 21.51 12.03
CA SER A 370 -9.07 22.56 12.20
C SER A 370 -10.51 22.03 12.28
N ILE A 371 -10.70 20.80 11.80
CA ILE A 371 -12.05 20.21 11.69
C ILE A 371 -12.04 18.71 12.05
N PRO A 372 -13.23 18.15 12.35
CA PRO A 372 -13.28 16.70 12.54
C PRO A 372 -12.88 15.95 11.29
N LEU A 373 -12.25 14.80 11.47
CA LEU A 373 -11.80 13.95 10.38
C LEU A 373 -12.93 13.55 9.43
N HIS A 374 -14.08 13.17 9.98
CA HIS A 374 -15.22 12.75 9.17
C HIS A 374 -15.71 13.89 8.25
N GLN A 375 -15.50 15.13 8.69
CA GLN A 375 -15.86 16.30 7.91
C GLN A 375 -14.90 16.48 6.72
N LEU A 376 -13.61 16.24 6.97
CA LEU A 376 -12.58 16.32 5.94
C LEU A 376 -12.72 15.21 4.89
N ILE A 377 -12.96 13.99 5.37
CA ILE A 377 -13.05 12.83 4.48
C ILE A 377 -14.35 12.82 3.69
N LEU A 378 -15.41 13.40 4.25
CA LEU A 378 -16.65 13.58 3.47
C LEU A 378 -16.35 14.22 2.12
N ASP A 379 -15.59 15.31 2.14
CA ASP A 379 -15.15 15.98 0.91
C ASP A 379 -14.32 15.12 -0.02
N LEU A 380 -13.55 14.18 0.53
CA LEU A 380 -12.84 13.21 -0.29
C LEU A 380 -13.86 12.35 -1.07
N LEU A 381 -14.88 11.87 -0.36
CA LEU A 381 -15.95 11.10 -1.00
C LEU A 381 -16.70 11.95 -2.03
N ILE A 382 -16.97 13.21 -1.67
CA ILE A 382 -17.64 14.14 -2.58
C ILE A 382 -16.83 14.30 -3.87
N VAL A 383 -15.55 14.63 -3.72
CA VAL A 383 -14.64 14.81 -4.85
C VAL A 383 -14.51 13.54 -5.68
N ALA A 384 -14.23 12.42 -5.02
CA ALA A 384 -14.12 11.13 -5.70
C ALA A 384 -15.37 10.83 -6.54
N HIS A 385 -16.54 11.09 -5.97
CA HIS A 385 -17.79 10.85 -6.67
C HIS A 385 -17.93 11.71 -7.93
N SER A 386 -17.63 13.00 -7.81
CA SER A 386 -17.81 13.94 -8.91
C SER A 386 -16.84 13.66 -10.06
N ARG A 387 -15.75 12.95 -9.75
CA ARG A 387 -14.77 12.56 -10.76
C ARG A 387 -15.06 11.21 -11.43
N GLY A 388 -16.15 10.57 -11.04
CA GLY A 388 -16.57 9.33 -11.68
C GLY A 388 -16.05 8.04 -11.06
N PHE A 389 -15.58 8.11 -9.81
CA PHE A 389 -15.16 6.90 -9.10
C PHE A 389 -16.35 6.10 -8.59
N ASP A 390 -16.24 4.79 -8.67
CA ASP A 390 -17.36 3.90 -8.35
C ASP A 390 -17.40 3.53 -6.87
N VAL A 391 -16.23 3.55 -6.22
CA VAL A 391 -16.08 3.10 -4.84
C VAL A 391 -14.84 3.71 -4.20
N CYS A 392 -14.86 3.79 -2.86
CA CYS A 392 -13.73 4.26 -2.08
C CYS A 392 -13.27 3.18 -1.12
N ASN A 393 -11.98 2.86 -1.18
CA ASN A 393 -11.41 1.78 -0.37
C ASN A 393 -10.35 2.27 0.60
N MET A 394 -10.18 1.50 1.68
CA MET A 394 -9.18 1.78 2.70
C MET A 394 -9.03 0.61 3.65
N VAL A 395 -7.84 0.50 4.25
CA VAL A 395 -7.62 -0.43 5.35
C VAL A 395 -7.74 0.37 6.65
N GLU A 396 -8.13 -0.31 7.73
CA GLU A 396 -8.32 0.35 9.04
C GLU A 396 -7.01 0.76 9.74
N ILE A 397 -6.07 1.34 8.98
CA ILE A 397 -4.86 1.92 9.55
C ILE A 397 -5.12 3.40 9.86
N LEU A 398 -4.08 4.13 10.27
CA LEU A 398 -4.21 5.54 10.65
C LEU A 398 -5.39 5.71 11.62
N ASP A 399 -6.22 6.73 11.39
CA ASP A 399 -7.46 6.88 12.15
C ASP A 399 -8.68 6.60 11.27
N ASN A 400 -8.53 5.67 10.33
CA ASN A 400 -9.58 5.36 9.36
C ASN A 400 -10.87 4.87 9.98
N ARG A 401 -10.77 4.24 11.15
CA ARG A 401 -11.93 3.72 11.87
C ARG A 401 -12.86 4.83 12.39
N SER A 402 -12.30 6.04 12.56
CA SER A 402 -13.00 7.15 13.19
C SER A 402 -14.15 7.71 12.36
N PHE A 403 -14.20 7.37 11.08
CA PHE A 403 -15.22 7.92 10.17
C PHE A 403 -15.96 6.84 9.38
N VAL A 404 -15.76 5.58 9.75
CA VAL A 404 -16.41 4.45 9.09
C VAL A 404 -17.92 4.55 9.14
N GLU A 405 -18.47 4.69 10.35
CA GLU A 405 -19.92 4.62 10.56
C GLU A 405 -20.64 5.79 9.92
N GLN A 406 -20.17 7.00 10.21
CA GLN A 406 -20.87 8.21 9.79
C GLN A 406 -20.81 8.48 8.29
N LEU A 407 -19.71 8.07 7.66
CA LEU A 407 -19.58 8.22 6.20
C LEU A 407 -20.02 6.95 5.44
N LYS A 408 -20.55 5.98 6.18
CA LYS A 408 -21.21 4.78 5.61
C LYS A 408 -20.26 3.82 4.87
N PHE A 409 -19.06 3.62 5.43
CA PHE A 409 -18.18 2.58 4.95
C PHE A 409 -18.67 1.24 5.50
N GLY A 410 -18.48 0.17 4.75
CA GLY A 410 -18.71 -1.17 5.25
C GLY A 410 -17.45 -2.00 5.17
N ALA A 411 -17.22 -2.83 6.20
CA ALA A 411 -16.15 -3.84 6.17
C ALA A 411 -16.27 -4.75 4.96
N GLY A 412 -15.11 -5.13 4.39
CA GLY A 412 -15.06 -6.06 3.28
C GLY A 412 -14.66 -7.46 3.72
N ASP A 413 -14.34 -8.32 2.77
CA ASP A 413 -13.92 -9.70 3.08
C ASP A 413 -12.41 -9.82 3.27
N GLY A 414 -11.64 -8.93 2.65
CA GLY A 414 -10.19 -9.03 2.71
C GLY A 414 -9.57 -8.41 3.97
N HIS A 415 -8.37 -8.90 4.30
CA HIS A 415 -7.53 -8.27 5.30
C HIS A 415 -6.17 -8.02 4.68
N LEU A 416 -5.61 -6.84 4.93
CA LEU A 416 -4.23 -6.57 4.54
C LEU A 416 -3.32 -6.84 5.73
N ARG A 417 -2.33 -7.69 5.51
CA ARG A 417 -1.35 -7.98 6.56
C ARG A 417 -0.09 -7.17 6.27
N TYR A 418 0.57 -6.71 7.33
CA TYR A 418 1.83 -5.97 7.22
C TYR A 418 3.00 -6.82 7.70
N TYR A 419 4.10 -6.79 6.94
CA TYR A 419 5.26 -7.63 7.22
C TYR A 419 6.57 -6.87 7.20
N PHE A 420 7.52 -7.31 8.01
CA PHE A 420 8.91 -6.90 7.86
C PHE A 420 9.76 -8.08 7.43
N TYR A 421 10.81 -7.77 6.68
CA TYR A 421 11.87 -8.71 6.38
C TYR A 421 13.10 -8.37 7.22
N ASN A 422 13.61 -9.38 7.94
CA ASN A 422 14.77 -9.25 8.85
C ASN A 422 14.58 -8.16 9.94
N TRP A 423 13.39 -8.19 10.56
CA TRP A 423 13.08 -7.30 11.67
C TRP A 423 12.09 -7.93 12.64
N ALA A 424 12.57 -8.25 13.83
CA ALA A 424 11.71 -8.71 14.91
C ALA A 424 10.88 -7.54 15.38
N TYR A 425 9.58 -7.73 15.37
CA TYR A 425 8.66 -6.69 15.82
C TYR A 425 7.49 -7.33 16.57
N PRO A 426 7.09 -6.72 17.70
CA PRO A 426 5.92 -7.20 18.44
C PRO A 426 4.62 -6.93 17.68
N LYS A 427 3.57 -7.67 18.02
CA LYS A 427 2.27 -7.44 17.41
C LYS A 427 1.78 -6.03 17.79
N ILE A 428 1.28 -5.30 16.80
CA ILE A 428 0.61 -4.03 17.05
C ILE A 428 -0.75 -4.00 16.36
N LYS A 429 -1.65 -3.17 16.87
CA LYS A 429 -2.94 -2.94 16.23
C LYS A 429 -2.78 -2.15 14.93
N PRO A 430 -3.70 -2.35 13.97
CA PRO A 430 -3.61 -1.62 12.70
C PRO A 430 -3.70 -0.10 12.85
N SER A 431 -4.31 0.37 13.94
CA SER A 431 -4.37 1.79 14.22
C SER A 431 -3.08 2.37 14.80
N GLN A 432 -2.04 1.55 14.88
CA GLN A 432 -0.70 2.07 15.20
C GLN A 432 0.23 2.01 13.97
N VAL A 433 -0.38 1.85 12.79
CA VAL A 433 0.34 1.78 11.52
C VAL A 433 -0.01 3.03 10.74
N ALA A 434 1.02 3.74 10.29
CA ALA A 434 0.85 4.99 9.56
C ALA A 434 1.43 4.91 8.14
N LEU A 435 1.80 3.70 7.72
CA LEU A 435 2.31 3.48 6.37
C LEU A 435 1.22 3.02 5.40
N VAL A 436 0.94 3.86 4.42
CA VAL A 436 0.02 3.50 3.35
C VAL A 436 0.81 2.79 2.26
N MET A 437 0.36 1.59 1.87
CA MET A 437 1.01 0.86 0.79
C MET A 437 0.13 0.75 -0.45
N LEU A 438 0.71 1.11 -1.59
CA LEU A 438 0.00 1.21 -2.87
C LEU A 438 -0.36 -0.14 -3.46
#